data_3THF
#
_entry.id   3THF
#
_cell.length_a   72.797
_cell.length_b   85.632
_cell.length_c   92.977
_cell.angle_alpha   90.000
_cell.angle_beta   90.000
_cell.angle_gamma   90.000
#
_symmetry.space_group_name_H-M   'P 21 21 2'
#
_entity_poly.entity_id   1
_entity_poly.type   'polypeptide(L)'
_entity_poly.pdbx_seq_one_letter_code
;GIDPFTEEPTNLIKQKMDELIKHLNQKIVSLKREQQTISEECSANDRLGQDLFAKLAEKVRPSEASKFRTHVDAVGNITS
LLLSLSERLAQTESSLETRQQERGALESKRDLLYEQMEEAQRLKSDIERRGVSIAGLLAKNLSADMCADYDYFINMKAKL
IADARDLAVRIKGSEEQLSSLSDALVQSDC
;
_entity_poly.pdbx_strand_id   A,B
#
# COMPACT_ATOMS: atom_id res chain seq x y z
N THR A 10 7.46 -31.54 -16.29
CA THR A 10 6.74 -30.28 -16.36
C THR A 10 5.98 -29.99 -15.08
N ASN A 11 6.20 -28.81 -14.51
CA ASN A 11 5.54 -28.42 -13.27
C ASN A 11 4.08 -28.01 -13.48
N LEU A 12 3.19 -28.50 -12.64
CA LEU A 12 1.78 -28.25 -12.81
C LEU A 12 1.52 -26.79 -12.82
N ILE A 13 1.93 -26.13 -11.76
CA ILE A 13 1.58 -24.72 -11.58
C ILE A 13 1.98 -23.87 -12.79
N LYS A 14 3.22 -24.03 -13.25
CA LYS A 14 3.67 -23.33 -14.45
C LYS A 14 2.65 -23.54 -15.56
N GLN A 15 2.31 -24.81 -15.78
CA GLN A 15 1.36 -25.21 -16.82
C GLN A 15 0.03 -24.47 -16.68
N LYS A 16 -0.54 -24.55 -15.48
CA LYS A 16 -1.83 -23.91 -15.20
C LYS A 16 -1.77 -22.40 -15.43
N MET A 17 -0.61 -21.82 -15.15
CA MET A 17 -0.40 -20.38 -15.35
C MET A 17 -0.40 -20.05 -16.83
N ASP A 18 0.34 -20.83 -17.60
CA ASP A 18 0.38 -20.63 -19.05
C ASP A 18 -1.02 -20.72 -19.62
N GLU A 19 -1.74 -21.76 -19.21
CA GLU A 19 -3.13 -21.94 -19.62
C GLU A 19 -3.97 -20.71 -19.26
N LEU A 20 -3.75 -20.19 -18.06
CA LEU A 20 -4.48 -19.04 -17.56
C LEU A 20 -4.25 -17.80 -18.43
N ILE A 21 -2.98 -17.45 -18.64
CA ILE A 21 -2.65 -16.26 -19.43
C ILE A 21 -3.11 -16.43 -20.88
N LYS A 22 -3.10 -17.67 -21.37
CA LYS A 22 -3.61 -17.90 -22.72
C LYS A 22 -5.11 -17.62 -22.76
N HIS A 23 -5.83 -18.09 -21.75
CA HIS A 23 -7.26 -17.79 -21.64
C HIS A 23 -7.48 -16.28 -21.64
N LEU A 24 -6.72 -15.58 -20.80
CA LEU A 24 -6.80 -14.12 -20.73
C LEU A 24 -6.59 -13.47 -22.10
N ASN A 25 -5.55 -13.89 -22.80
CA ASN A 25 -5.30 -13.39 -24.15
C ASN A 25 -6.51 -13.61 -25.05
N GLN A 26 -7.00 -14.84 -25.09
CA GLN A 26 -8.17 -15.17 -25.90
C GLN A 26 -9.32 -14.21 -25.63
N LYS A 27 -9.70 -14.08 -24.35
CA LYS A 27 -10.82 -13.25 -23.98
C LYS A 27 -10.58 -11.76 -24.28
N ILE A 28 -9.32 -11.34 -24.20
CA ILE A 28 -8.97 -9.97 -24.53
C ILE A 28 -9.18 -9.71 -26.01
N VAL A 29 -8.75 -10.67 -26.82
CA VAL A 29 -8.97 -10.61 -28.26
C VAL A 29 -10.46 -10.49 -28.55
N SER A 30 -11.25 -11.41 -27.98
CA SER A 30 -12.69 -11.38 -28.19
C SER A 30 -13.28 -10.03 -27.78
N LEU A 31 -12.83 -9.50 -26.65
CA LEU A 31 -13.31 -8.21 -26.16
C LEU A 31 -12.99 -7.09 -27.13
N LYS A 32 -11.76 -7.07 -27.65
CA LYS A 32 -11.38 -6.12 -28.67
C LYS A 32 -12.34 -6.22 -29.85
N ARG A 33 -12.69 -7.45 -30.20
CA ARG A 33 -13.62 -7.72 -31.27
C ARG A 33 -14.97 -7.03 -31.02
N GLU A 34 -15.59 -7.36 -29.90
CA GLU A 34 -16.88 -6.78 -29.53
C GLU A 34 -16.82 -5.25 -29.51
N GLN A 35 -15.70 -4.73 -29.03
CA GLN A 35 -15.46 -3.30 -28.96
C GLN A 35 -15.45 -2.68 -30.35
N GLN A 36 -14.82 -3.37 -31.30
CA GLN A 36 -14.81 -2.93 -32.69
C GLN A 36 -16.24 -2.91 -33.23
N THR A 37 -16.98 -3.97 -32.94
CA THR A 37 -18.40 -4.02 -33.32
C THR A 37 -19.11 -2.75 -32.86
N ILE A 38 -19.06 -2.49 -31.55
CA ILE A 38 -19.66 -1.28 -31.00
C ILE A 38 -19.20 -0.04 -31.75
N SER A 39 -17.90 0.03 -32.03
CA SER A 39 -17.33 1.15 -32.77
C SER A 39 -18.08 1.39 -34.08
N GLU A 40 -18.16 0.35 -34.89
CA GLU A 40 -18.85 0.44 -36.18
C GLU A 40 -20.33 0.84 -36.00
N GLU A 41 -20.97 0.28 -34.98
CA GLU A 41 -22.33 0.67 -34.65
C GLU A 41 -22.42 2.18 -34.47
N CYS A 42 -21.56 2.73 -33.63
CA CYS A 42 -21.49 4.16 -33.40
C CYS A 42 -21.35 4.89 -34.74
N SER A 43 -20.47 4.41 -35.60
CA SER A 43 -20.36 5.00 -36.93
C SER A 43 -21.73 5.09 -37.62
N ALA A 44 -22.42 3.97 -37.70
CA ALA A 44 -23.74 3.93 -38.34
C ALA A 44 -24.72 4.93 -37.73
N ASN A 45 -25.03 4.73 -36.45
CA ASN A 45 -25.93 5.59 -35.71
C ASN A 45 -25.60 7.08 -35.93
N ASP A 46 -24.30 7.36 -35.98
CA ASP A 46 -23.83 8.72 -36.22
C ASP A 46 -24.19 9.21 -37.62
N ARG A 47 -24.02 8.36 -38.62
CA ARG A 47 -24.49 8.73 -39.96
C ARG A 47 -25.97 9.07 -39.92
N LEU A 48 -26.74 8.26 -39.18
CA LEU A 48 -28.14 8.55 -38.97
C LEU A 48 -28.30 9.99 -38.49
N GLY A 49 -27.62 10.29 -37.39
CA GLY A 49 -27.62 11.65 -36.85
C GLY A 49 -27.38 12.69 -37.93
N GLN A 50 -26.31 12.52 -38.68
CA GLN A 50 -25.92 13.46 -39.74
C GLN A 50 -27.07 13.68 -40.72
N ASP A 51 -27.70 12.60 -41.16
CA ASP A 51 -28.82 12.72 -42.09
C ASP A 51 -29.94 13.56 -41.47
N LEU A 52 -30.36 13.17 -40.27
CA LEU A 52 -31.36 13.94 -39.53
C LEU A 52 -31.03 15.43 -39.57
N PHE A 53 -29.82 15.75 -39.15
CA PHE A 53 -29.38 17.14 -39.07
C PHE A 53 -29.38 17.83 -40.43
N ALA A 54 -29.12 17.08 -41.49
CA ALA A 54 -29.17 17.66 -42.83
C ALA A 54 -30.60 18.10 -43.11
N LYS A 55 -31.54 17.17 -42.92
CA LYS A 55 -32.96 17.49 -43.09
C LYS A 55 -33.35 18.76 -42.32
N LEU A 56 -33.16 18.70 -41.00
CA LEU A 56 -33.54 19.81 -40.14
C LEU A 56 -32.88 21.11 -40.62
N ALA A 57 -31.59 21.03 -40.92
CA ALA A 57 -30.84 22.17 -41.40
C ALA A 57 -31.52 22.80 -42.61
N GLU A 58 -32.00 21.96 -43.52
CA GLU A 58 -32.73 22.44 -44.68
C GLU A 58 -33.99 23.17 -44.24
N LYS A 59 -34.73 22.59 -43.32
CA LYS A 59 -36.04 23.14 -42.98
C LYS A 59 -36.07 24.22 -41.88
N VAL A 60 -34.93 24.74 -41.46
CA VAL A 60 -34.90 25.58 -40.25
C VAL A 60 -33.76 26.60 -40.20
N ARG A 61 -33.92 27.60 -39.34
CA ARG A 61 -32.93 28.67 -39.16
C ARG A 61 -31.62 28.13 -38.57
N PRO A 62 -30.49 28.74 -38.96
CA PRO A 62 -29.15 28.25 -38.59
C PRO A 62 -28.94 28.11 -37.08
N SER A 63 -29.44 29.06 -36.29
CA SER A 63 -29.26 29.00 -34.85
C SER A 63 -29.94 27.79 -34.25
N GLU A 64 -31.10 27.45 -34.80
CA GLU A 64 -31.86 26.29 -34.35
C GLU A 64 -31.13 24.99 -34.68
N ALA A 65 -30.54 24.93 -35.86
CA ALA A 65 -29.72 23.81 -36.27
C ALA A 65 -28.53 23.66 -35.32
N SER A 66 -27.95 24.80 -34.96
CA SER A 66 -26.84 24.83 -34.01
C SER A 66 -27.24 24.30 -32.64
N LYS A 67 -28.43 24.70 -32.17
CA LYS A 67 -28.94 24.21 -30.91
C LYS A 67 -29.13 22.71 -30.96
N PHE A 68 -29.70 22.22 -32.06
CA PHE A 68 -29.85 20.78 -32.24
C PHE A 68 -28.49 20.09 -32.10
N ARG A 69 -27.54 20.51 -32.92
CA ARG A 69 -26.19 19.95 -32.90
C ARG A 69 -25.64 19.93 -31.47
N THR A 70 -25.76 21.06 -30.79
CA THR A 70 -25.23 21.23 -29.45
C THR A 70 -25.86 20.27 -28.44
N HIS A 71 -27.17 20.08 -28.54
CA HIS A 71 -27.84 19.14 -27.67
C HIS A 71 -27.37 17.73 -27.95
N VAL A 72 -27.36 17.36 -29.22
CA VAL A 72 -26.89 16.05 -29.65
C VAL A 72 -25.50 15.76 -29.08
N ASP A 73 -24.63 16.77 -29.08
CA ASP A 73 -23.30 16.61 -28.52
C ASP A 73 -23.32 16.51 -26.99
N ALA A 74 -24.22 17.28 -26.37
CA ALA A 74 -24.30 17.34 -24.92
C ALA A 74 -24.76 16.01 -24.33
N VAL A 75 -25.73 15.38 -24.97
CA VAL A 75 -26.18 14.07 -24.52
C VAL A 75 -24.99 13.12 -24.36
N GLY A 76 -24.23 12.98 -25.44
CA GLY A 76 -23.03 12.15 -25.42
C GLY A 76 -22.06 12.56 -24.34
N ASN A 77 -21.66 13.83 -24.35
CA ASN A 77 -20.70 14.34 -23.39
C ASN A 77 -21.08 14.04 -21.93
N ILE A 78 -22.32 14.32 -21.57
CA ILE A 78 -22.78 14.14 -20.20
C ILE A 78 -22.90 12.66 -19.85
N THR A 79 -23.33 11.86 -20.82
CA THR A 79 -23.33 10.41 -20.63
C THR A 79 -21.93 9.97 -20.21
N SER A 80 -20.94 10.36 -21.02
CA SER A 80 -19.55 10.02 -20.73
C SER A 80 -19.11 10.51 -19.35
N LEU A 81 -19.41 11.77 -19.05
CA LEU A 81 -18.99 12.37 -17.78
C LEU A 81 -19.54 11.59 -16.59
N LEU A 82 -20.86 11.37 -16.58
CA LEU A 82 -21.49 10.62 -15.50
C LEU A 82 -20.90 9.22 -15.38
N LEU A 83 -20.71 8.56 -16.51
CA LEU A 83 -20.09 7.23 -16.51
C LEU A 83 -18.72 7.23 -15.82
N SER A 84 -17.82 8.11 -16.29
CA SER A 84 -16.46 8.14 -15.75
C SER A 84 -16.45 8.56 -14.28
N LEU A 85 -17.38 9.42 -13.88
CA LEU A 85 -17.47 9.83 -12.49
C LEU A 85 -17.92 8.68 -11.61
N SER A 86 -18.91 7.93 -12.07
CA SER A 86 -19.38 6.77 -11.31
C SER A 86 -18.24 5.75 -11.19
N GLU A 87 -17.48 5.58 -12.27
CA GLU A 87 -16.33 4.69 -12.26
C GLU A 87 -15.30 5.11 -11.21
N ARG A 88 -14.79 6.34 -11.35
CA ARG A 88 -13.82 6.87 -10.40
C ARG A 88 -14.30 6.75 -8.96
N LEU A 89 -15.58 7.04 -8.75
CA LEU A 89 -16.19 6.94 -7.44
C LEU A 89 -16.07 5.52 -6.91
N ALA A 90 -16.49 4.57 -7.73
CA ALA A 90 -16.41 3.16 -7.38
C ALA A 90 -14.99 2.77 -6.97
N GLN A 91 -14.04 3.00 -7.88
CA GLN A 91 -12.64 2.69 -7.59
C GLN A 91 -12.20 3.29 -6.26
N THR A 92 -12.55 4.55 -6.05
CA THR A 92 -12.21 5.23 -4.80
C THR A 92 -12.74 4.48 -3.59
N GLU A 93 -14.02 4.10 -3.65
CA GLU A 93 -14.64 3.39 -2.53
C GLU A 93 -14.01 2.02 -2.31
N SER A 94 -13.55 1.38 -3.38
CA SER A 94 -12.91 0.08 -3.26
C SER A 94 -11.49 0.23 -2.72
N SER A 95 -10.93 1.43 -2.86
CA SER A 95 -9.65 1.73 -2.24
C SER A 95 -9.84 1.96 -0.75
N LEU A 96 -10.89 2.70 -0.40
CA LEU A 96 -11.24 2.91 1.00
C LEU A 96 -11.49 1.59 1.72
N GLU A 97 -12.30 0.72 1.12
CA GLU A 97 -12.61 -0.57 1.71
C GLU A 97 -11.33 -1.34 2.07
N THR A 98 -10.29 -1.15 1.26
CA THR A 98 -9.02 -1.81 1.49
C THR A 98 -8.24 -1.13 2.61
N ARG A 99 -8.14 0.20 2.55
CA ARG A 99 -7.47 0.95 3.60
C ARG A 99 -8.14 0.70 4.94
N GLN A 100 -9.33 0.09 4.90
CA GLN A 100 -10.02 -0.32 6.12
C GLN A 100 -9.42 -1.62 6.65
N GLN A 101 -9.45 -2.65 5.80
CA GLN A 101 -8.97 -3.98 6.18
C GLN A 101 -7.50 -4.00 6.55
N GLU A 102 -6.67 -3.32 5.77
CA GLU A 102 -5.25 -3.22 6.08
C GLU A 102 -5.07 -2.66 7.49
N ARG A 103 -5.80 -1.58 7.77
CA ARG A 103 -5.77 -0.93 9.07
C ARG A 103 -6.18 -1.89 10.19
N GLY A 104 -7.26 -2.65 9.96
CA GLY A 104 -7.73 -3.62 10.94
C GLY A 104 -6.68 -4.68 11.25
N ALA A 105 -6.11 -5.26 10.19
CA ALA A 105 -5.05 -6.25 10.36
C ALA A 105 -3.89 -5.68 11.17
N LEU A 106 -3.35 -4.56 10.71
CA LEU A 106 -2.26 -3.90 11.42
C LEU A 106 -2.59 -3.73 12.89
N GLU A 107 -3.82 -3.30 13.18
CA GLU A 107 -4.24 -3.10 14.56
C GLU A 107 -4.24 -4.40 15.35
N SER A 108 -4.65 -5.50 14.72
CA SER A 108 -4.58 -6.81 15.35
C SER A 108 -3.12 -7.14 15.70
N LYS A 109 -2.24 -6.99 14.73
CA LYS A 109 -0.81 -7.20 14.96
C LYS A 109 -0.32 -6.40 16.15
N ARG A 110 -0.73 -5.13 16.20
CA ARG A 110 -0.37 -4.26 17.32
C ARG A 110 -0.87 -4.81 18.64
N ASP A 111 -2.07 -5.37 18.63
CA ASP A 111 -2.61 -6.02 19.83
C ASP A 111 -1.68 -7.13 20.28
N LEU A 112 -1.38 -8.05 19.37
CA LEU A 112 -0.48 -9.15 19.67
C LEU A 112 0.83 -8.64 20.29
N LEU A 113 1.44 -7.65 19.63
CA LEU A 113 2.69 -7.08 20.11
C LEU A 113 2.55 -6.51 21.52
N TYR A 114 1.42 -5.86 21.81
CA TYR A 114 1.18 -5.31 23.13
C TYR A 114 1.11 -6.41 24.20
N GLU A 115 0.37 -7.47 23.90
CA GLU A 115 0.29 -8.60 24.82
C GLU A 115 1.69 -9.16 25.08
N GLN A 116 2.44 -9.37 23.99
CA GLN A 116 3.81 -9.86 24.09
C GLN A 116 4.66 -8.95 24.98
N MET A 117 4.43 -7.65 24.88
CA MET A 117 5.18 -6.67 25.67
C MET A 117 4.87 -6.78 27.15
N GLU A 118 3.58 -6.84 27.48
CA GLU A 118 3.19 -7.01 28.87
C GLU A 118 3.84 -8.28 29.44
N GLU A 119 3.69 -9.37 28.70
CA GLU A 119 4.32 -10.64 29.08
C GLU A 119 5.81 -10.44 29.39
N ALA A 120 6.53 -9.93 28.39
CA ALA A 120 7.97 -9.74 28.50
C ALA A 120 8.33 -8.86 29.69
N GLN A 121 7.46 -7.93 30.05
CA GLN A 121 7.69 -7.08 31.20
C GLN A 121 7.60 -7.88 32.48
N ARG A 122 6.53 -8.68 32.59
CA ARG A 122 6.44 -9.63 33.71
C ARG A 122 7.76 -10.39 33.83
N LEU A 123 8.19 -10.96 32.71
CA LEU A 123 9.45 -11.68 32.64
C LEU A 123 10.60 -10.88 33.23
N LYS A 124 10.76 -9.64 32.76
CA LYS A 124 11.84 -8.80 33.24
C LYS A 124 11.79 -8.63 34.75
N SER A 125 10.59 -8.46 35.28
CA SER A 125 10.44 -8.33 36.73
C SER A 125 10.93 -9.58 37.45
N ASP A 126 10.44 -10.74 37.00
CA ASP A 126 10.86 -12.00 37.61
C ASP A 126 12.38 -12.15 37.59
N ILE A 127 12.97 -11.99 36.41
CA ILE A 127 14.42 -12.04 36.25
C ILE A 127 15.10 -11.05 37.19
N GLU A 128 14.46 -9.91 37.43
CA GLU A 128 15.01 -8.92 38.33
C GLU A 128 15.10 -9.43 39.76
N ARG A 129 13.98 -9.90 40.30
CA ARG A 129 14.01 -10.42 41.66
C ARG A 129 15.00 -11.59 41.80
N ARG A 130 14.95 -12.50 40.82
CA ARG A 130 15.91 -13.59 40.79
C ARG A 130 17.34 -13.03 40.86
N GLY A 131 17.54 -11.90 40.20
CA GLY A 131 18.81 -11.20 40.22
C GLY A 131 19.16 -10.71 41.61
N VAL A 132 18.15 -10.27 42.36
CA VAL A 132 18.35 -9.92 43.75
C VAL A 132 18.89 -11.12 44.53
N SER A 133 18.23 -12.27 44.37
CA SER A 133 18.72 -13.48 45.02
C SER A 133 20.18 -13.79 44.66
N ILE A 134 20.48 -13.78 43.37
CA ILE A 134 21.85 -14.00 42.90
C ILE A 134 22.82 -13.06 43.60
N ALA A 135 22.43 -11.79 43.69
CA ALA A 135 23.22 -10.79 44.39
C ALA A 135 23.50 -11.25 45.82
N GLY A 136 22.48 -11.77 46.48
CA GLY A 136 22.65 -12.32 47.82
C GLY A 136 23.70 -13.42 47.84
N LEU A 137 23.64 -14.33 46.89
CA LEU A 137 24.55 -15.44 46.76
C LEU A 137 25.96 -15.00 46.63
N LEU A 138 26.22 -14.12 45.71
CA LEU A 138 27.55 -13.56 45.52
C LEU A 138 28.03 -12.85 46.78
N ALA A 139 27.15 -12.06 47.38
CA ALA A 139 27.46 -11.38 48.62
C ALA A 139 28.01 -12.37 49.65
N LYS A 140 27.32 -13.49 49.81
CA LYS A 140 27.74 -14.51 50.78
C LYS A 140 29.07 -15.18 50.42
N ASN A 141 29.25 -15.51 49.15
CA ASN A 141 30.39 -16.34 48.75
C ASN A 141 31.61 -15.62 48.16
N LEU A 142 31.45 -14.36 47.77
CA LEU A 142 32.53 -13.65 47.08
C LEU A 142 32.96 -12.38 47.78
N SER A 143 34.19 -11.96 47.49
CA SER A 143 34.71 -10.70 48.02
C SER A 143 33.91 -9.53 47.46
N ALA A 144 33.89 -8.42 48.18
CA ALA A 144 33.17 -7.23 47.74
C ALA A 144 33.65 -6.80 46.36
N ASP A 145 34.95 -6.89 46.12
CA ASP A 145 35.52 -6.58 44.82
C ASP A 145 34.88 -7.43 43.72
N MET A 146 34.73 -8.73 43.99
CA MET A 146 34.11 -9.63 43.03
C MET A 146 32.68 -9.22 42.72
N CYS A 147 31.93 -8.84 43.75
CA CYS A 147 30.53 -8.45 43.59
C CYS A 147 30.42 -7.18 42.77
N ALA A 148 31.28 -6.21 43.07
CA ALA A 148 31.34 -4.97 42.30
C ALA A 148 31.62 -5.30 40.84
N ASP A 149 32.63 -6.14 40.62
CA ASP A 149 32.98 -6.60 39.29
C ASP A 149 31.78 -7.22 38.58
N TYR A 150 30.97 -7.95 39.32
CA TYR A 150 29.79 -8.60 38.74
C TYR A 150 28.73 -7.58 38.34
N ASP A 151 28.43 -6.64 39.24
CA ASP A 151 27.48 -5.59 38.92
C ASP A 151 27.91 -4.89 37.64
N TYR A 152 29.17 -4.46 37.61
CA TYR A 152 29.73 -3.86 36.42
C TYR A 152 29.49 -4.74 35.19
N PHE A 153 29.93 -5.99 35.27
CA PHE A 153 29.83 -6.90 34.14
C PHE A 153 28.41 -7.02 33.59
N ILE A 154 27.43 -7.12 34.48
CA ILE A 154 26.05 -7.32 34.07
C ILE A 154 25.47 -6.04 33.44
N ASN A 155 25.72 -4.91 34.10
CA ASN A 155 25.34 -3.62 33.52
C ASN A 155 25.90 -3.44 32.11
N MET A 156 27.21 -3.68 31.98
CA MET A 156 27.90 -3.51 30.72
C MET A 156 27.38 -4.49 29.68
N LYS A 157 27.01 -5.69 30.13
CA LYS A 157 26.39 -6.65 29.22
C LYS A 157 25.13 -6.03 28.62
N ALA A 158 24.25 -5.56 29.50
CA ALA A 158 23.01 -4.92 29.05
C ALA A 158 23.27 -3.77 28.06
N LYS A 159 24.11 -2.82 28.48
CA LYS A 159 24.46 -1.67 27.65
C LYS A 159 24.96 -2.08 26.27
N LEU A 160 25.93 -2.99 26.26
CA LEU A 160 26.50 -3.48 25.00
C LEU A 160 25.44 -4.09 24.10
N ILE A 161 24.54 -4.88 24.68
CA ILE A 161 23.46 -5.46 23.91
C ILE A 161 22.62 -4.35 23.27
N ALA A 162 22.27 -3.34 24.07
CA ALA A 162 21.50 -2.21 23.56
C ALA A 162 22.20 -1.54 22.37
N ASP A 163 23.45 -1.17 22.56
CA ASP A 163 24.22 -0.47 21.52
C ASP A 163 24.31 -1.29 20.24
N ALA A 164 24.64 -2.57 20.40
CA ALA A 164 24.71 -3.49 19.26
C ALA A 164 23.38 -3.52 18.52
N ARG A 165 22.29 -3.61 19.27
CA ARG A 165 20.96 -3.57 18.69
C ARG A 165 20.81 -2.32 17.83
N ASP A 166 21.03 -1.16 18.43
CA ASP A 166 20.95 0.11 17.73
C ASP A 166 21.71 0.08 16.39
N LEU A 167 22.99 -0.26 16.47
CA LEU A 167 23.82 -0.33 15.27
C LEU A 167 23.25 -1.28 14.22
N ALA A 168 22.75 -2.42 14.68
CA ALA A 168 22.16 -3.42 13.78
C ALA A 168 21.00 -2.81 13.03
N VAL A 169 20.10 -2.15 13.76
CA VAL A 169 18.96 -1.48 13.15
C VAL A 169 19.40 -0.45 12.12
N ARG A 170 20.23 0.50 12.54
CA ARG A 170 20.68 1.55 11.64
C ARG A 170 21.32 0.99 10.37
N ILE A 171 22.11 -0.06 10.53
CA ILE A 171 22.73 -0.73 9.40
C ILE A 171 21.65 -1.30 8.47
N LYS A 172 20.70 -2.03 9.06
CA LYS A 172 19.60 -2.58 8.29
C LYS A 172 18.94 -1.51 7.43
N GLY A 173 18.61 -0.38 8.06
CA GLY A 173 17.98 0.73 7.36
C GLY A 173 18.83 1.25 6.21
N SER A 174 20.09 1.55 6.51
CA SER A 174 21.01 2.03 5.48
C SER A 174 21.04 1.07 4.29
N GLU A 175 20.99 -0.22 4.59
CA GLU A 175 20.96 -1.24 3.54
C GLU A 175 19.67 -1.18 2.73
N GLU A 176 18.54 -1.01 3.43
CA GLU A 176 17.26 -0.85 2.76
C GLU A 176 17.36 0.27 1.73
N GLN A 177 17.79 1.45 2.20
CA GLN A 177 17.96 2.58 1.32
C GLN A 177 18.86 2.25 0.14
N LEU A 178 20.06 1.74 0.43
CA LEU A 178 21.00 1.42 -0.63
C LEU A 178 20.37 0.55 -1.71
N SER A 179 19.84 -0.60 -1.30
CA SER A 179 19.24 -1.53 -2.25
C SER A 179 18.12 -0.88 -3.05
N SER A 180 17.22 -0.16 -2.37
CA SER A 180 16.10 0.45 -3.07
C SER A 180 16.58 1.51 -4.06
N LEU A 181 17.74 2.10 -3.80
CA LEU A 181 18.30 3.08 -4.72
C LEU A 181 19.12 2.40 -5.81
N SER A 182 19.42 1.12 -5.63
CA SER A 182 20.18 0.36 -6.62
C SER A 182 19.37 0.09 -7.88
N ASP A 183 18.10 0.47 -7.87
CA ASP A 183 17.21 0.26 -9.00
C ASP A 183 17.17 1.49 -9.89
N ALA A 184 16.82 2.62 -9.27
CA ALA A 184 16.71 3.88 -10.00
C ALA A 184 18.09 4.44 -10.35
N ASN B 11 20.77 12.43 -16.97
CA ASN B 11 22.09 12.99 -17.19
C ASN B 11 22.71 13.48 -15.88
N LEU B 12 22.06 14.44 -15.25
CA LEU B 12 22.52 14.99 -13.98
C LEU B 12 21.97 14.18 -12.81
N ILE B 13 20.97 13.35 -13.09
CA ILE B 13 20.35 12.53 -12.06
C ILE B 13 21.26 11.36 -11.67
N LYS B 14 21.93 10.76 -12.64
CA LYS B 14 22.94 9.76 -12.36
C LYS B 14 24.08 10.41 -11.59
N GLN B 15 24.31 11.68 -11.87
CA GLN B 15 25.37 12.44 -11.20
C GLN B 15 25.11 12.48 -9.69
N LYS B 16 23.89 12.80 -9.30
CA LYS B 16 23.51 12.87 -7.90
C LYS B 16 23.43 11.48 -7.30
N MET B 17 22.85 10.55 -8.05
CA MET B 17 22.62 9.19 -7.59
C MET B 17 23.92 8.49 -7.23
N ASP B 18 24.92 8.57 -8.11
CA ASP B 18 26.22 7.99 -7.84
C ASP B 18 26.77 8.52 -6.52
N GLU B 19 26.69 9.84 -6.35
CA GLU B 19 27.10 10.49 -5.11
C GLU B 19 26.42 9.85 -3.91
N LEU B 20 25.08 9.86 -3.92
CA LEU B 20 24.31 9.28 -2.82
C LEU B 20 24.75 7.86 -2.51
N ILE B 21 24.69 6.99 -3.51
CA ILE B 21 25.14 5.61 -3.34
C ILE B 21 26.50 5.54 -2.66
N LYS B 22 27.43 6.38 -3.10
CA LYS B 22 28.78 6.36 -2.53
C LYS B 22 28.78 6.75 -1.05
N HIS B 23 28.26 7.94 -0.75
CA HIS B 23 28.17 8.40 0.63
C HIS B 23 27.53 7.33 1.53
N LEU B 24 26.52 6.66 0.98
CA LEU B 24 25.77 5.66 1.72
C LEU B 24 26.61 4.42 1.97
N ASN B 25 27.37 4.00 0.97
CA ASN B 25 28.29 2.87 1.12
C ASN B 25 29.33 3.16 2.19
N GLN B 26 29.87 4.39 2.16
CA GLN B 26 30.81 4.81 3.18
C GLN B 26 30.17 4.74 4.56
N LYS B 27 28.94 5.25 4.66
CA LYS B 27 28.19 5.22 5.90
C LYS B 27 28.06 3.80 6.44
N ILE B 28 27.60 2.90 5.58
CA ILE B 28 27.43 1.51 5.95
C ILE B 28 28.75 0.87 6.39
N VAL B 29 29.83 1.21 5.71
CA VAL B 29 31.14 0.69 6.10
C VAL B 29 31.52 1.16 7.51
N SER B 30 31.29 2.45 7.77
CA SER B 30 31.55 3.00 9.10
C SER B 30 30.75 2.26 10.18
N LEU B 31 29.44 2.17 9.97
CA LEU B 31 28.57 1.43 10.88
C LEU B 31 29.12 0.04 11.14
N LYS B 32 29.51 -0.65 10.07
CA LYS B 32 30.14 -1.96 10.19
C LYS B 32 31.31 -1.91 11.18
N ARG B 33 32.24 -0.99 10.93
CA ARG B 33 33.39 -0.81 11.81
C ARG B 33 32.98 -0.69 13.28
N GLU B 34 32.11 0.28 13.56
CA GLU B 34 31.66 0.51 14.92
C GLU B 34 31.09 -0.76 15.56
N GLN B 35 30.22 -1.45 14.80
CA GLN B 35 29.61 -2.68 15.30
C GLN B 35 30.67 -3.73 15.60
N GLN B 36 31.75 -3.73 14.82
CA GLN B 36 32.87 -4.62 15.09
C GLN B 36 33.47 -4.29 16.46
N THR B 37 33.81 -3.01 16.65
CA THR B 37 34.29 -2.55 17.95
C THR B 37 33.43 -3.08 19.09
N ILE B 38 32.13 -2.81 19.00
CA ILE B 38 31.20 -3.27 20.01
C ILE B 38 31.27 -4.79 20.20
N SER B 39 31.41 -5.53 19.10
CA SER B 39 31.51 -6.98 19.15
C SER B 39 32.70 -7.40 20.01
N GLU B 40 33.85 -6.79 19.75
CA GLU B 40 35.06 -7.04 20.53
C GLU B 40 34.80 -6.78 22.02
N GLU B 41 34.26 -5.60 22.33
CA GLU B 41 33.95 -5.28 23.72
C GLU B 41 33.06 -6.37 24.35
N CYS B 42 32.09 -6.86 23.58
CA CYS B 42 31.25 -7.96 24.01
C CYS B 42 32.09 -9.18 24.39
N SER B 43 32.93 -9.65 23.47
CA SER B 43 33.76 -10.81 23.77
C SER B 43 34.53 -10.60 25.08
N ALA B 44 35.11 -9.42 25.23
CA ALA B 44 35.84 -9.12 26.46
C ALA B 44 34.97 -9.29 27.71
N ASN B 45 33.82 -8.61 27.72
CA ASN B 45 32.93 -8.68 28.87
C ASN B 45 32.49 -10.12 29.16
N ASP B 46 32.26 -10.89 28.10
CA ASP B 46 31.94 -12.29 28.24
C ASP B 46 33.06 -13.03 28.97
N ARG B 47 34.30 -12.75 28.59
CA ARG B 47 35.44 -13.31 29.30
C ARG B 47 35.35 -12.96 30.79
N LEU B 48 35.06 -11.70 31.08
CA LEU B 48 34.90 -11.28 32.48
C LEU B 48 33.88 -12.16 33.20
N GLY B 49 32.71 -12.33 32.60
CA GLY B 49 31.67 -13.16 33.18
C GLY B 49 32.12 -14.60 33.38
N GLN B 50 32.96 -15.08 32.48
CA GLN B 50 33.50 -16.43 32.58
C GLN B 50 34.40 -16.54 33.82
N ASP B 51 35.29 -15.57 34.00
CA ASP B 51 36.15 -15.54 35.18
C ASP B 51 35.28 -15.55 36.44
N LEU B 52 34.32 -14.63 36.49
CA LEU B 52 33.39 -14.56 37.60
C LEU B 52 32.78 -15.93 37.89
N PHE B 53 32.25 -16.58 36.87
CA PHE B 53 31.59 -17.87 37.05
C PHE B 53 32.56 -18.96 37.53
N ALA B 54 33.82 -18.86 37.14
CA ALA B 54 34.80 -19.83 37.61
C ALA B 54 35.01 -19.64 39.11
N LYS B 55 35.37 -18.41 39.48
CA LYS B 55 35.63 -18.09 40.88
C LYS B 55 34.43 -18.45 41.77
N LEU B 56 33.22 -18.23 41.27
CA LEU B 56 32.03 -18.57 42.03
C LEU B 56 31.80 -20.09 42.04
N ALA B 57 32.18 -20.74 40.95
CA ALA B 57 32.03 -22.19 40.83
C ALA B 57 32.88 -22.86 41.88
N GLU B 58 33.99 -22.21 42.25
CA GLU B 58 34.82 -22.71 43.34
C GLU B 58 34.02 -22.87 44.64
N LYS B 59 33.36 -21.79 45.05
CA LYS B 59 32.78 -21.69 46.38
C LYS B 59 31.42 -22.38 46.58
N VAL B 60 30.56 -22.31 45.58
CA VAL B 60 29.16 -22.70 45.78
C VAL B 60 28.80 -24.05 45.18
N ARG B 61 27.60 -24.51 45.52
CA ARG B 61 27.10 -25.78 45.01
C ARG B 61 26.77 -25.67 43.51
N PRO B 62 26.89 -26.79 42.79
CA PRO B 62 26.67 -26.82 41.34
C PRO B 62 25.35 -26.17 40.90
N SER B 63 24.26 -26.47 41.59
CA SER B 63 22.95 -25.93 41.24
C SER B 63 22.95 -24.40 41.31
N GLU B 64 23.63 -23.86 42.31
CA GLU B 64 23.69 -22.42 42.51
C GLU B 64 24.45 -21.74 41.36
N ALA B 65 25.57 -22.34 40.97
CA ALA B 65 26.36 -21.83 39.87
C ALA B 65 25.55 -21.89 38.58
N SER B 66 24.86 -23.01 38.39
CA SER B 66 23.99 -23.17 37.24
C SER B 66 22.98 -22.02 37.19
N LYS B 67 22.26 -21.83 38.29
CA LYS B 67 21.28 -20.77 38.42
C LYS B 67 21.87 -19.39 38.09
N PHE B 68 23.09 -19.15 38.56
CA PHE B 68 23.80 -17.93 38.24
C PHE B 68 23.92 -17.77 36.72
N ARG B 69 24.45 -18.81 36.09
CA ARG B 69 24.64 -18.82 34.64
C ARG B 69 23.33 -18.52 33.90
N THR B 70 22.27 -19.25 34.25
CA THR B 70 20.98 -19.06 33.59
C THR B 70 20.42 -17.66 33.82
N HIS B 71 20.71 -17.07 34.97
CA HIS B 71 20.30 -15.69 35.22
C HIS B 71 21.04 -14.75 34.27
N VAL B 72 22.35 -14.96 34.15
CA VAL B 72 23.17 -14.13 33.28
C VAL B 72 22.69 -14.21 31.83
N ASP B 73 22.38 -15.41 31.36
CA ASP B 73 21.83 -15.56 30.02
C ASP B 73 20.46 -14.89 29.89
N ALA B 74 19.64 -15.04 30.92
CA ALA B 74 18.30 -14.50 30.92
C ALA B 74 18.29 -12.97 30.82
N VAL B 75 19.23 -12.33 31.48
CA VAL B 75 19.33 -10.88 31.38
C VAL B 75 19.44 -10.43 29.92
N GLY B 76 20.46 -10.94 29.24
CA GLY B 76 20.66 -10.66 27.84
C GLY B 76 19.42 -10.99 27.02
N ASN B 77 18.88 -12.18 27.24
CA ASN B 77 17.69 -12.62 26.50
C ASN B 77 16.53 -11.64 26.59
N ILE B 78 16.12 -11.31 27.81
CA ILE B 78 15.00 -10.40 28.02
C ILE B 78 15.30 -9.01 27.49
N THR B 79 16.56 -8.59 27.57
CA THR B 79 16.94 -7.31 27.00
C THR B 79 16.68 -7.30 25.48
N SER B 80 17.26 -8.28 24.78
CA SER B 80 17.06 -8.40 23.35
C SER B 80 15.58 -8.50 22.98
N LEU B 81 14.82 -9.24 23.79
CA LEU B 81 13.40 -9.44 23.53
C LEU B 81 12.66 -8.11 23.61
N LEU B 82 12.85 -7.41 24.72
CA LEU B 82 12.23 -6.11 24.91
C LEU B 82 12.58 -5.15 23.78
N LEU B 83 13.85 -5.07 23.42
CA LEU B 83 14.25 -4.21 22.32
C LEU B 83 13.53 -4.59 21.02
N SER B 84 13.53 -5.88 20.72
CA SER B 84 12.89 -6.41 19.53
C SER B 84 11.42 -5.99 19.45
N LEU B 85 10.68 -6.25 20.53
CA LEU B 85 9.27 -5.90 20.60
C LEU B 85 9.07 -4.40 20.46
N SER B 86 9.97 -3.63 21.06
CA SER B 86 9.90 -2.17 20.97
C SER B 86 9.99 -1.73 19.51
N GLU B 87 11.00 -2.25 18.82
CA GLU B 87 11.22 -1.94 17.41
C GLU B 87 9.99 -2.30 16.57
N ARG B 88 9.54 -3.55 16.69
CA ARG B 88 8.37 -4.00 15.95
C ARG B 88 7.17 -3.08 16.19
N LEU B 89 6.89 -2.80 17.46
CA LEU B 89 5.80 -1.91 17.83
C LEU B 89 5.94 -0.59 17.07
N ALA B 90 7.10 0.03 17.19
CA ALA B 90 7.36 1.29 16.49
C ALA B 90 6.98 1.16 15.01
N GLN B 91 7.52 0.15 14.35
CA GLN B 91 7.23 -0.11 12.94
C GLN B 91 5.72 -0.10 12.67
N THR B 92 5.00 -0.91 13.45
CA THR B 92 3.55 -0.98 13.31
C THR B 92 2.89 0.38 13.41
N GLU B 93 3.22 1.12 14.47
CA GLU B 93 2.71 2.48 14.66
C GLU B 93 2.90 3.29 13.38
N SER B 94 4.15 3.33 12.91
CA SER B 94 4.49 4.07 11.70
C SER B 94 3.57 3.71 10.55
N SER B 95 3.49 2.41 10.25
CA SER B 95 2.65 1.95 9.16
C SER B 95 1.20 2.40 9.31
N LEU B 96 0.67 2.30 10.51
CA LEU B 96 -0.69 2.74 10.79
C LEU B 96 -0.89 4.23 10.48
N GLU B 97 0.00 5.06 11.01
CA GLU B 97 -0.02 6.49 10.70
C GLU B 97 -0.07 6.73 9.19
N THR B 98 0.86 6.08 8.48
CA THR B 98 0.87 6.16 7.02
C THR B 98 -0.52 5.87 6.43
N ARG B 99 -1.04 4.69 6.76
CA ARG B 99 -2.38 4.29 6.32
C ARG B 99 -3.39 5.40 6.55
N GLN B 100 -3.30 6.03 7.72
CA GLN B 100 -4.20 7.12 8.07
C GLN B 100 -4.09 8.28 7.08
N GLN B 101 -2.88 8.76 6.87
CA GLN B 101 -2.66 9.84 5.90
C GLN B 101 -3.28 9.49 4.54
N GLU B 102 -2.95 8.30 4.04
CA GLU B 102 -3.50 7.83 2.78
C GLU B 102 -5.03 7.93 2.78
N ARG B 103 -5.64 7.43 3.86
CA ARG B 103 -7.09 7.46 3.99
C ARG B 103 -7.64 8.88 3.90
N GLY B 104 -6.96 9.83 4.55
CA GLY B 104 -7.35 11.22 4.47
C GLY B 104 -7.34 11.71 3.03
N ALA B 105 -6.23 11.47 2.34
CA ALA B 105 -6.13 11.83 0.93
C ALA B 105 -7.33 11.29 0.14
N LEU B 106 -7.57 10.00 0.26
CA LEU B 106 -8.67 9.35 -0.43
C LEU B 106 -10.02 10.00 -0.11
N GLU B 107 -10.24 10.31 1.16
CA GLU B 107 -11.48 10.96 1.57
C GLU B 107 -11.66 12.32 0.88
N SER B 108 -10.60 13.11 0.82
CA SER B 108 -10.64 14.38 0.11
C SER B 108 -11.02 14.17 -1.35
N LYS B 109 -10.26 13.32 -2.03
CA LYS B 109 -10.53 12.96 -3.41
C LYS B 109 -12.01 12.63 -3.60
N ARG B 110 -12.55 11.87 -2.64
CA ARG B 110 -13.95 11.48 -2.67
C ARG B 110 -14.88 12.69 -2.59
N ASP B 111 -14.60 13.60 -1.66
CA ASP B 111 -15.39 14.83 -1.58
C ASP B 111 -15.45 15.51 -2.95
N LEU B 112 -14.28 15.69 -3.55
CA LEU B 112 -14.18 16.32 -4.86
C LEU B 112 -15.07 15.60 -5.90
N LEU B 113 -14.81 14.31 -6.08
CA LEU B 113 -15.59 13.49 -7.00
C LEU B 113 -17.08 13.72 -6.79
N TYR B 114 -17.50 13.75 -5.52
CA TYR B 114 -18.91 13.91 -5.18
C TYR B 114 -19.45 15.25 -5.67
N GLU B 115 -18.77 16.34 -5.34
CA GLU B 115 -19.22 17.64 -5.79
C GLU B 115 -19.37 17.65 -7.31
N GLN B 116 -18.34 17.14 -7.99
CA GLN B 116 -18.37 17.08 -9.45
C GLN B 116 -19.57 16.28 -9.95
N MET B 117 -19.95 15.25 -9.19
CA MET B 117 -21.09 14.41 -9.53
C MET B 117 -22.39 15.20 -9.42
N GLU B 118 -22.55 15.94 -8.32
CA GLU B 118 -23.73 16.76 -8.15
C GLU B 118 -23.87 17.76 -9.29
N GLU B 119 -22.77 18.44 -9.59
CA GLU B 119 -22.74 19.36 -10.74
C GLU B 119 -23.20 18.67 -12.01
N ALA B 120 -22.58 17.53 -12.30
CA ALA B 120 -22.93 16.75 -13.48
C ALA B 120 -24.41 16.39 -13.54
N GLN B 121 -25.00 16.14 -12.37
CA GLN B 121 -26.41 15.79 -12.30
C GLN B 121 -27.28 16.98 -12.67
N ARG B 122 -27.00 18.12 -12.03
CA ARG B 122 -27.66 19.37 -12.37
C ARG B 122 -27.65 19.60 -13.88
N LEU B 123 -26.45 19.54 -14.44
CA LEU B 123 -26.24 19.70 -15.87
C LEU B 123 -27.09 18.72 -16.68
N LYS B 124 -27.13 17.46 -16.25
CA LYS B 124 -27.92 16.47 -16.96
C LYS B 124 -29.40 16.84 -16.98
N SER B 125 -29.93 17.27 -15.85
CA SER B 125 -31.31 17.74 -15.81
C SER B 125 -31.53 18.84 -16.85
N ASP B 126 -30.64 19.84 -16.82
CA ASP B 126 -30.71 20.92 -17.79
C ASP B 126 -30.82 20.36 -19.21
N ILE B 127 -29.93 19.42 -19.53
CA ILE B 127 -29.90 18.83 -20.86
C ILE B 127 -31.19 18.08 -21.18
N GLU B 128 -31.82 17.49 -20.17
CA GLU B 128 -33.09 16.81 -20.37
C GLU B 128 -34.16 17.80 -20.80
N ARG B 129 -34.29 18.89 -20.06
CA ARG B 129 -35.24 19.93 -20.47
C ARG B 129 -34.98 20.45 -21.88
N ARG B 130 -33.72 20.82 -22.14
CA ARG B 130 -33.34 21.21 -23.49
C ARG B 130 -33.80 20.17 -24.50
N GLY B 131 -33.71 18.91 -24.13
CA GLY B 131 -34.11 17.81 -24.99
C GLY B 131 -35.59 17.87 -25.29
N VAL B 132 -36.39 18.20 -24.27
CA VAL B 132 -37.80 18.46 -24.50
C VAL B 132 -37.95 19.52 -25.59
N SER B 133 -37.22 20.63 -25.42
CA SER B 133 -37.26 21.70 -26.43
C SER B 133 -36.96 21.20 -27.84
N ILE B 134 -35.88 20.44 -27.98
CA ILE B 134 -35.46 19.88 -29.26
C ILE B 134 -36.56 19.01 -29.88
N ALA B 135 -37.13 18.13 -29.06
CA ALA B 135 -38.24 17.31 -29.51
C ALA B 135 -39.33 18.22 -30.09
N GLY B 136 -39.61 19.30 -29.38
CA GLY B 136 -40.56 20.28 -29.88
C GLY B 136 -40.19 20.77 -31.27
N LEU B 137 -38.95 21.19 -31.45
CA LEU B 137 -38.44 21.71 -32.70
C LEU B 137 -38.56 20.76 -33.85
N LEU B 138 -38.15 19.54 -33.65
CA LEU B 138 -38.30 18.48 -34.65
C LEU B 138 -39.76 18.22 -34.99
N ALA B 139 -40.60 18.12 -33.96
CA ALA B 139 -42.02 17.88 -34.18
C ALA B 139 -42.64 18.99 -35.02
N LYS B 140 -42.13 20.22 -34.84
CA LYS B 140 -42.64 21.37 -35.58
C LYS B 140 -42.09 21.44 -37.00
N ASN B 141 -40.95 20.80 -37.25
CA ASN B 141 -40.28 20.94 -38.55
C ASN B 141 -40.08 19.65 -39.37
N LEU B 142 -40.34 18.49 -38.80
CA LEU B 142 -40.09 17.25 -39.51
C LEU B 142 -41.20 16.22 -39.38
N SER B 143 -41.29 15.33 -40.36
CA SER B 143 -42.30 14.28 -40.40
C SER B 143 -42.24 13.43 -39.14
N ALA B 144 -43.35 12.76 -38.82
CA ALA B 144 -43.41 11.89 -37.66
C ALA B 144 -42.33 10.80 -37.73
N ASP B 145 -42.19 10.19 -38.90
CA ASP B 145 -41.17 9.18 -39.14
C ASP B 145 -39.80 9.71 -38.72
N MET B 146 -39.41 10.84 -39.29
CA MET B 146 -38.12 11.45 -38.98
C MET B 146 -37.94 11.67 -37.48
N CYS B 147 -39.03 12.00 -36.80
CA CYS B 147 -39.00 12.23 -35.36
C CYS B 147 -38.72 10.94 -34.58
N ALA B 148 -39.48 9.89 -34.88
CA ALA B 148 -39.26 8.59 -34.25
C ALA B 148 -37.82 8.15 -34.49
N ASP B 149 -37.35 8.38 -35.72
CA ASP B 149 -35.99 8.08 -36.09
C ASP B 149 -35.00 8.85 -35.22
N TYR B 150 -35.28 10.12 -34.95
CA TYR B 150 -34.38 10.89 -34.08
C TYR B 150 -34.36 10.29 -32.69
N ASP B 151 -35.54 10.05 -32.12
CA ASP B 151 -35.64 9.45 -30.80
C ASP B 151 -34.73 8.22 -30.71
N TYR B 152 -34.97 7.29 -31.64
CA TYR B 152 -34.15 6.10 -31.75
C TYR B 152 -32.66 6.47 -31.76
N PHE B 153 -32.30 7.41 -32.63
CA PHE B 153 -30.91 7.82 -32.78
C PHE B 153 -30.26 8.27 -31.48
N ILE B 154 -30.91 9.21 -30.80
CA ILE B 154 -30.35 9.79 -29.58
C ILE B 154 -30.22 8.73 -28.48
N ASN B 155 -31.31 7.99 -28.26
CA ASN B 155 -31.26 6.92 -27.27
C ASN B 155 -30.14 5.93 -27.55
N MET B 156 -30.05 5.50 -28.81
CA MET B 156 -29.02 4.56 -29.23
C MET B 156 -27.62 5.14 -29.06
N LYS B 157 -27.49 6.45 -29.24
CA LYS B 157 -26.21 7.10 -29.03
C LYS B 157 -25.81 6.91 -27.59
N ALA B 158 -26.71 7.29 -26.68
CA ALA B 158 -26.44 7.10 -25.24
C ALA B 158 -26.04 5.64 -24.93
N LYS B 159 -26.92 4.72 -25.30
CA LYS B 159 -26.69 3.30 -25.04
C LYS B 159 -25.32 2.82 -25.53
N LEU B 160 -24.99 3.15 -26.78
CA LEU B 160 -23.71 2.75 -27.35
C LEU B 160 -22.54 3.34 -26.58
N ILE B 161 -22.65 4.61 -26.18
CA ILE B 161 -21.60 5.20 -25.36
C ILE B 161 -21.40 4.35 -24.11
N ALA B 162 -22.50 4.05 -23.43
CA ALA B 162 -22.44 3.24 -22.21
C ALA B 162 -21.73 1.91 -22.44
N ASP B 163 -22.24 1.12 -23.39
CA ASP B 163 -21.64 -0.18 -23.71
C ASP B 163 -20.14 -0.04 -23.98
N ALA B 164 -19.79 0.93 -24.80
CA ALA B 164 -18.41 1.19 -25.16
C ALA B 164 -17.53 1.41 -23.93
N ARG B 165 -18.00 2.24 -22.99
CA ARG B 165 -17.23 2.47 -21.77
C ARG B 165 -17.12 1.18 -20.94
N ASP B 166 -18.20 0.41 -20.88
CA ASP B 166 -18.16 -0.87 -20.18
C ASP B 166 -17.05 -1.78 -20.73
N LEU B 167 -17.03 -1.95 -22.05
CA LEU B 167 -16.03 -2.77 -22.69
C LEU B 167 -14.63 -2.21 -22.49
N ALA B 168 -14.52 -0.88 -22.51
CA ALA B 168 -13.24 -0.24 -22.28
C ALA B 168 -12.71 -0.61 -20.90
N VAL B 169 -13.57 -0.52 -19.90
CA VAL B 169 -13.20 -0.89 -18.53
C VAL B 169 -12.79 -2.35 -18.44
N ARG B 170 -13.68 -3.25 -18.84
CA ARG B 170 -13.39 -4.68 -18.78
C ARG B 170 -12.04 -5.00 -19.44
N ILE B 171 -11.86 -4.50 -20.65
CA ILE B 171 -10.61 -4.70 -21.37
C ILE B 171 -9.42 -4.20 -20.55
N LYS B 172 -9.44 -2.92 -20.19
CA LYS B 172 -8.36 -2.34 -19.39
C LYS B 172 -7.99 -3.24 -18.22
N GLY B 173 -8.96 -3.51 -17.35
CA GLY B 173 -8.76 -4.36 -16.19
C GLY B 173 -8.12 -5.69 -16.53
N SER B 174 -8.70 -6.41 -17.48
CA SER B 174 -8.16 -7.69 -17.90
C SER B 174 -6.70 -7.57 -18.34
N GLU B 175 -6.38 -6.47 -19.01
CA GLU B 175 -5.01 -6.20 -19.44
C GLU B 175 -4.11 -6.06 -18.21
N GLU B 176 -4.59 -5.36 -17.20
CA GLU B 176 -3.85 -5.24 -15.95
C GLU B 176 -3.56 -6.62 -15.39
N GLN B 177 -4.62 -7.40 -15.18
CA GLN B 177 -4.50 -8.78 -14.71
C GLN B 177 -3.39 -9.50 -15.47
N LEU B 178 -3.53 -9.57 -16.78
CA LEU B 178 -2.54 -10.23 -17.62
C LEU B 178 -1.14 -9.76 -17.28
N SER B 179 -0.90 -8.46 -17.43
CA SER B 179 0.40 -7.89 -17.08
C SER B 179 0.94 -8.48 -15.77
N SER B 180 0.14 -8.39 -14.72
CA SER B 180 0.55 -8.89 -13.41
C SER B 180 0.92 -10.38 -13.42
N LEU B 181 0.10 -11.20 -14.08
CA LEU B 181 0.37 -12.63 -14.15
C LEU B 181 1.66 -12.91 -14.90
N SER B 182 1.72 -12.48 -16.15
CA SER B 182 2.90 -12.66 -16.99
C SER B 182 4.18 -12.20 -16.27
N ASP B 183 4.08 -11.10 -15.53
CA ASP B 183 5.25 -10.56 -14.85
C ASP B 183 5.83 -11.53 -13.82
N ALA B 184 4.97 -12.30 -13.18
CA ALA B 184 5.41 -13.25 -12.15
C ALA B 184 6.23 -14.39 -12.77
#